data_6B5Z
#
_entry.id   6B5Z
#
_cell.length_a   89.402
_cell.length_b   89.402
_cell.length_c   102.711
_cell.angle_alpha   90.00
_cell.angle_beta   90.00
_cell.angle_gamma   120.00
#
_symmetry.space_group_name_H-M   'P 32'
#
loop_
_entity.id
_entity.type
_entity.pdbx_description
1 polymer Fructose-1,6-bisphosphatase/inositol-1-monophosphatase
2 non-polymer 'SULFATE ION'
3 non-polymer 'MAGNESIUM ION'
4 non-polymer 'ASPARTIC ACID'
5 non-polymer 1,2,3,4,5,6-HEXAHYDROXY-CYCLOHEXANE
6 water water
#
_entity_poly.entity_id   1
_entity_poly.type   'polypeptide(L)'
_entity_poly.pdbx_seq_one_letter_code
;MDERDALRISREIAGEVRKAIASMPLRERVKDVGMGKDGTPTKAADRVAEDAALEILRKERVTVVTEESGVLGEGDVFVA
LDPLDGTFNATRGIPVYSVSLCFSYSDKLKDAFFGYVYNLATGDEYYADSSGAYRNGERIEVSDAEELYCNAIIYYPDRK
FPFKRMRIFGSAATELCFFADGSFDCFLDIRPGKMLRIYDAAAGVFIAEKAGGKVTELDGESLGNKKFDMQERLNIVAAN
EKLHPKLLELIK
;
_entity_poly.pdbx_strand_id   A,B
#
# COMPACT_ATOMS: atom_id res chain seq x y z
N MET A 1 29.19 -8.49 19.69
CA MET A 1 28.05 -8.83 18.85
C MET A 1 28.46 -8.85 17.40
N ASP A 2 28.09 -9.90 16.70
CA ASP A 2 28.26 -9.92 15.26
C ASP A 2 26.90 -10.03 14.56
N GLU A 3 26.95 -10.21 13.24
CA GLU A 3 25.76 -10.23 12.41
C GLU A 3 24.85 -11.44 12.64
N ARG A 4 25.40 -12.53 13.18
CA ARG A 4 24.56 -13.68 13.53
C ARG A 4 23.81 -13.42 14.82
N ASP A 5 24.49 -12.80 15.78
CA ASP A 5 23.80 -12.41 17.00
C ASP A 5 22.64 -11.49 16.61
N ALA A 6 22.94 -10.45 15.85
CA ALA A 6 21.94 -9.46 15.42
C ALA A 6 20.74 -10.13 14.73
N LEU A 7 20.99 -11.11 13.86
CA LEU A 7 19.90 -11.84 13.20
C LEU A 7 19.03 -12.57 14.23
N ARG A 8 19.70 -13.20 15.19
CA ARG A 8 18.97 -13.95 16.22
C ARG A 8 18.13 -13.03 17.09
N ILE A 9 18.73 -11.90 17.48
CA ILE A 9 18.03 -10.91 18.29
C ILE A 9 16.86 -10.31 17.53
N SER A 10 17.08 -9.96 16.27
CA SER A 10 16.01 -9.38 15.47
C SER A 10 14.83 -10.34 15.34
N ARG A 11 15.11 -11.61 15.12
CA ARG A 11 14.05 -12.60 14.93
C ARG A 11 13.23 -12.78 16.20
N GLU A 12 13.92 -12.77 17.34
CA GLU A 12 13.24 -12.80 18.63
C GLU A 12 12.32 -11.56 18.78
N ILE A 13 12.84 -10.39 18.48
CA ILE A 13 12.03 -9.18 18.56
C ILE A 13 10.83 -9.25 17.61
N ALA A 14 11.06 -9.70 16.39
CA ALA A 14 9.97 -9.80 15.41
C ALA A 14 8.86 -10.70 15.94
N GLY A 15 9.22 -11.84 16.51
CA GLY A 15 8.22 -12.76 17.01
C GLY A 15 7.38 -12.09 18.10
N GLU A 16 8.04 -11.46 19.07
CA GLU A 16 7.35 -10.80 20.17
C GLU A 16 6.49 -9.62 19.72
N VAL A 17 7.03 -8.76 18.85
CA VAL A 17 6.25 -7.63 18.37
C VAL A 17 5.06 -8.11 17.56
N ARG A 18 5.27 -9.16 16.74
CA ARG A 18 4.20 -9.67 15.90
C ARG A 18 3.00 -10.12 16.73
N LYS A 19 3.23 -10.90 17.79
CA LYS A 19 2.10 -11.41 18.56
C LYS A 19 1.47 -10.34 19.42
N ALA A 20 2.26 -9.37 19.87
CA ALA A 20 1.72 -8.24 20.63
C ALA A 20 0.75 -7.40 19.80
N ILE A 21 1.09 -7.13 18.55
CA ILE A 21 0.24 -6.33 17.68
C ILE A 21 -0.98 -7.13 17.18
N ALA A 22 -0.72 -8.36 16.77
CA ALA A 22 -1.77 -9.19 16.17
C ALA A 22 -2.94 -9.40 17.12
N SER A 23 -2.67 -9.37 18.42
CA SER A 23 -3.70 -9.63 19.41
C SER A 23 -4.49 -8.36 19.75
N MET A 24 -4.05 -7.22 19.25
CA MET A 24 -4.63 -5.94 19.64
C MET A 24 -5.62 -5.44 18.58
N PRO A 25 -6.90 -5.33 18.97
CA PRO A 25 -7.94 -4.91 18.00
C PRO A 25 -7.64 -3.49 17.51
N LEU A 26 -8.16 -3.15 16.33
CA LEU A 26 -7.87 -1.85 15.72
C LEU A 26 -8.21 -0.69 16.65
N ARG A 27 -9.35 -0.79 17.33
CA ARG A 27 -9.84 0.28 18.19
C ARG A 27 -8.92 0.52 19.39
N GLU A 28 -8.20 -0.53 19.81
CA GLU A 28 -7.18 -0.31 20.82
C GLU A 28 -5.93 0.28 20.19
N ARG A 29 -5.53 -0.23 19.03
CA ARG A 29 -4.29 0.20 18.38
C ARG A 29 -4.23 1.70 18.16
N VAL A 30 -5.37 2.28 17.80
CA VAL A 30 -5.40 3.65 17.31
C VAL A 30 -5.34 4.72 18.42
N LYS A 31 -5.48 4.30 19.67
CA LYS A 31 -5.53 5.24 20.80
C LYS A 31 -4.18 5.89 21.10
N ASP A 32 -4.15 7.22 21.16
CA ASP A 32 -2.96 7.93 21.62
C ASP A 32 -2.75 7.60 23.10
N VAL A 33 -1.52 7.27 23.48
CA VAL A 33 -1.24 6.98 24.88
C VAL A 33 -0.17 7.90 25.46
N GLY A 34 0.41 8.74 24.61
CA GLY A 34 1.44 9.66 25.06
C GLY A 34 2.16 10.34 23.91
N MET A 35 3.12 11.19 24.27
CA MET A 35 3.89 11.92 23.28
C MET A 35 5.23 11.22 23.13
N GLY A 36 5.61 10.91 21.89
CA GLY A 36 6.89 10.24 21.67
C GLY A 36 8.05 11.22 21.73
N LYS A 37 9.26 10.73 22.05
CA LYS A 37 10.45 11.58 22.04
C LYS A 37 10.72 12.20 20.68
N ASP A 38 10.16 11.61 19.62
CA ASP A 38 10.31 12.14 18.27
C ASP A 38 9.41 13.36 18.07
N GLY A 39 8.51 13.59 19.02
CA GLY A 39 7.58 14.70 18.90
C GLY A 39 6.27 14.38 18.18
N THR A 40 6.01 13.10 17.92
CA THR A 40 4.70 12.69 17.39
C THR A 40 4.05 11.78 18.43
N PRO A 41 2.71 11.63 18.36
CA PRO A 41 2.05 10.79 19.37
C PRO A 41 2.45 9.32 19.29
N THR A 42 2.58 8.70 20.46
CA THR A 42 2.74 7.27 20.57
C THR A 42 1.35 6.67 20.64
N LYS A 43 0.99 5.83 19.68
CA LYS A 43 -0.26 5.07 19.77
C LYS A 43 -0.04 3.84 20.64
N ALA A 44 -1.14 3.28 21.15
CA ALA A 44 -1.09 2.05 21.92
C ALA A 44 -0.35 0.94 21.16
N ALA A 45 -0.54 0.90 19.85
CA ALA A 45 0.17 -0.06 19.02
C ALA A 45 1.68 0.21 19.05
N ASP A 46 2.08 1.48 18.99
CA ASP A 46 3.50 1.81 19.10
C ASP A 46 4.11 1.36 20.43
N ARG A 47 3.40 1.62 21.53
CA ARG A 47 3.90 1.39 22.88
C ARG A 47 4.06 -0.09 23.13
N VAL A 48 3.06 -0.85 22.71
CA VAL A 48 3.08 -2.29 22.88
C VAL A 48 4.23 -2.90 22.05
N ALA A 49 4.40 -2.43 20.81
CA ALA A 49 5.51 -2.90 19.98
C ALA A 49 6.85 -2.54 20.59
N GLU A 50 7.00 -1.31 21.08
CA GLU A 50 8.28 -0.90 21.63
C GLU A 50 8.63 -1.65 22.92
N ASP A 51 7.68 -1.79 23.84
CA ASP A 51 7.94 -2.57 25.05
C ASP A 51 8.40 -4.00 24.73
N ALA A 52 7.75 -4.64 23.76
CA ALA A 52 8.17 -5.97 23.34
C ALA A 52 9.62 -5.98 22.86
N ALA A 53 9.98 -5.01 22.03
CA ALA A 53 11.33 -4.95 21.50
C ALA A 53 12.35 -4.62 22.58
N LEU A 54 12.05 -3.63 23.41
CA LEU A 54 13.00 -3.17 24.44
C LEU A 54 13.29 -4.24 25.51
N GLU A 55 12.28 -5.04 25.84
CA GLU A 55 12.43 -6.12 26.80
C GLU A 55 13.54 -7.07 26.33
N ILE A 56 13.70 -7.18 25.02
CA ILE A 56 14.75 -8.03 24.47
C ILE A 56 16.09 -7.30 24.32
N LEU A 57 16.05 -6.05 23.86
CA LEU A 57 17.28 -5.30 23.63
C LEU A 57 17.95 -4.89 24.94
N ARG A 58 17.17 -4.86 26.01
CA ARG A 58 17.62 -4.54 27.36
C ARG A 58 18.73 -5.48 27.85
N LYS A 59 18.74 -6.71 27.34
CA LYS A 59 19.72 -7.71 27.75
C LYS A 59 21.03 -7.59 26.97
N GLU A 60 21.09 -6.65 26.03
CA GLU A 60 22.28 -6.54 25.18
C GLU A 60 23.06 -5.29 25.52
N ARG A 61 24.35 -5.28 25.19
CA ARG A 61 25.16 -4.09 25.46
C ARG A 61 25.04 -3.16 24.27
N VAL A 62 23.94 -2.42 24.23
CA VAL A 62 23.65 -1.52 23.12
C VAL A 62 23.19 -0.15 23.60
N THR A 63 23.34 0.82 22.71
CA THR A 63 22.63 2.07 22.83
C THR A 63 21.51 2.01 21.80
N VAL A 64 20.26 2.10 22.25
CA VAL A 64 19.10 2.06 21.38
C VAL A 64 18.57 3.47 21.06
N VAL A 65 18.38 3.76 19.77
CA VAL A 65 17.70 4.98 19.35
C VAL A 65 16.35 4.59 18.77
N THR A 66 15.29 4.90 19.51
CA THR A 66 13.96 4.42 19.16
C THR A 66 12.93 5.57 19.18
N GLU A 67 11.90 5.45 18.35
CA GLU A 67 10.99 6.56 18.09
C GLU A 67 10.25 7.09 19.31
N GLU A 68 9.67 6.20 20.10
CA GLU A 68 8.81 6.64 21.21
C GLU A 68 9.60 7.02 22.46
N SER A 69 10.58 6.17 22.86
CA SER A 69 11.34 6.40 24.09
C SER A 69 12.69 7.11 23.94
N GLY A 70 13.11 7.39 22.72
CA GLY A 70 14.35 8.15 22.49
C GLY A 70 15.63 7.33 22.55
N VAL A 71 16.69 7.92 23.10
CA VAL A 71 17.99 7.24 23.24
C VAL A 71 18.14 6.55 24.61
N LEU A 72 18.38 5.24 24.59
CA LEU A 72 18.44 4.45 25.81
C LEU A 72 19.71 3.59 25.86
N GLY A 73 20.26 3.41 27.06
CA GLY A 73 21.41 2.52 27.25
C GLY A 73 22.75 3.16 26.94
N GLU A 74 23.83 2.41 27.15
CA GLU A 74 25.17 2.95 26.99
C GLU A 74 26.12 2.01 26.26
N GLY A 75 25.58 0.97 25.65
CA GLY A 75 26.42 0.01 24.95
C GLY A 75 27.15 0.61 23.77
N ASP A 76 28.14 -0.12 23.26
CA ASP A 76 28.97 0.37 22.16
C ASP A 76 28.36 0.07 20.79
N VAL A 77 27.48 -0.94 20.73
CA VAL A 77 26.75 -1.24 19.49
C VAL A 77 25.48 -0.39 19.45
N PHE A 78 25.33 0.41 18.41
CA PHE A 78 24.14 1.27 18.29
C PHE A 78 23.06 0.58 17.48
N VAL A 79 21.81 0.69 17.94
CA VAL A 79 20.68 0.06 17.26
C VAL A 79 19.60 1.09 16.97
N ALA A 80 19.32 1.32 15.69
CA ALA A 80 18.23 2.24 15.35
C ALA A 80 16.97 1.42 15.22
N LEU A 81 16.03 1.65 16.14
CA LEU A 81 14.81 0.84 16.19
C LEU A 81 13.54 1.63 15.87
N ASP A 82 12.82 1.17 14.86
CA ASP A 82 11.47 1.67 14.68
C ASP A 82 10.55 0.51 15.04
N PRO A 83 9.92 0.59 16.22
CA PRO A 83 9.18 -0.57 16.75
C PRO A 83 7.97 -0.90 15.89
N LEU A 84 7.44 0.09 15.20
CA LEU A 84 6.32 -0.13 14.30
C LEU A 84 6.39 0.93 13.22
N ASP A 85 6.87 0.61 12.04
CA ASP A 85 6.96 1.59 10.95
C ASP A 85 5.73 1.46 10.04
N GLY A 86 4.89 2.50 9.97
CA GLY A 86 3.60 2.40 9.30
C GLY A 86 2.44 2.29 10.29
N THR A 87 2.54 3.04 11.38
CA THR A 87 1.54 3.02 12.44
C THR A 87 0.14 3.37 11.91
N PHE A 88 0.06 4.35 11.01
CA PHE A 88 -1.23 4.68 10.42
C PHE A 88 -1.87 3.45 9.76
N ASN A 89 -1.11 2.75 8.92
CA ASN A 89 -1.59 1.51 8.34
C ASN A 89 -2.01 0.46 9.37
N ALA A 90 -1.20 0.29 10.40
CA ALA A 90 -1.52 -0.71 11.41
C ALA A 90 -2.82 -0.38 12.14
N THR A 91 -3.04 0.89 12.43
CA THR A 91 -4.27 1.25 13.14
C THR A 91 -5.51 1.14 12.25
N ARG A 92 -5.32 1.04 10.93
CA ARG A 92 -6.43 0.98 9.97
C ARG A 92 -6.61 -0.43 9.43
N GLY A 93 -5.74 -1.35 9.83
CA GLY A 93 -5.83 -2.69 9.28
C GLY A 93 -5.29 -2.82 7.86
N ILE A 94 -4.54 -1.83 7.39
CA ILE A 94 -3.87 -1.92 6.10
C ILE A 94 -2.54 -2.63 6.27
N PRO A 95 -2.36 -3.78 5.60
CA PRO A 95 -1.32 -4.77 5.90
C PRO A 95 0.08 -4.41 5.38
N VAL A 96 0.51 -3.17 5.55
CA VAL A 96 1.88 -2.81 5.20
C VAL A 96 2.46 -2.04 6.36
N TYR A 97 3.07 -2.76 7.30
CA TYR A 97 3.72 -2.12 8.44
C TYR A 97 4.71 -3.10 9.04
N SER A 98 5.77 -2.59 9.65
CA SER A 98 6.84 -3.48 10.04
C SER A 98 7.62 -3.01 11.24
N VAL A 99 8.51 -3.88 11.73
CA VAL A 99 9.46 -3.48 12.77
C VAL A 99 10.81 -3.40 12.08
N SER A 100 11.56 -2.35 12.36
CA SER A 100 12.80 -2.06 11.64
C SER A 100 13.97 -1.92 12.61
N LEU A 101 15.07 -2.57 12.29
CA LEU A 101 16.27 -2.55 13.14
C LEU A 101 17.52 -2.47 12.30
N CYS A 102 18.38 -1.50 12.62
CA CYS A 102 19.69 -1.42 12.00
C CYS A 102 20.74 -1.40 13.10
N PHE A 103 21.72 -2.29 13.02
CA PHE A 103 22.76 -2.40 14.03
C PHE A 103 24.05 -1.78 13.50
N SER A 104 24.69 -0.91 14.28
CA SER A 104 25.95 -0.31 13.83
C SER A 104 27.05 -0.37 14.89
N TYR A 105 28.30 -0.38 14.44
CA TYR A 105 29.44 -0.44 15.35
C TYR A 105 29.89 0.94 15.80
N SER A 106 29.13 1.96 15.42
CA SER A 106 29.29 3.30 16.01
C SER A 106 27.95 4.01 15.89
N ASP A 107 27.93 5.31 16.15
CA ASP A 107 26.70 6.07 16.04
C ASP A 107 26.51 6.65 14.64
N LYS A 108 27.24 6.13 13.67
CA LYS A 108 27.14 6.58 12.27
C LYS A 108 26.64 5.46 11.36
N LEU A 109 25.87 5.83 10.33
CA LEU A 109 25.33 4.82 9.40
C LEU A 109 26.41 4.03 8.66
N LYS A 110 27.55 4.67 8.38
CA LYS A 110 28.63 3.97 7.65
C LYS A 110 29.19 2.77 8.39
N ASP A 111 28.96 2.70 9.70
CA ASP A 111 29.46 1.56 10.47
C ASP A 111 28.40 0.50 10.70
N ALA A 112 27.31 0.54 9.93
CA ALA A 112 26.25 -0.47 10.04
C ALA A 112 26.78 -1.86 9.68
N PHE A 113 26.35 -2.87 10.42
CA PHE A 113 26.72 -4.25 10.11
C PHE A 113 25.53 -5.19 9.90
N PHE A 114 24.32 -4.70 10.17
CA PHE A 114 23.14 -5.54 10.02
C PHE A 114 21.88 -4.69 9.90
N GLY A 115 21.00 -5.08 8.97
CA GLY A 115 19.72 -4.41 8.80
C GLY A 115 18.62 -5.45 8.77
N TYR A 116 17.46 -5.12 9.34
CA TYR A 116 16.38 -6.09 9.47
C TYR A 116 15.05 -5.37 9.44
N VAL A 117 14.17 -5.81 8.54
CA VAL A 117 12.82 -5.25 8.47
C VAL A 117 11.89 -6.44 8.31
N TYR A 118 10.91 -6.54 9.20
CA TYR A 118 9.97 -7.64 9.22
C TYR A 118 8.55 -7.09 9.12
N ASN A 119 7.84 -7.45 8.04
CA ASN A 119 6.45 -7.04 7.86
C ASN A 119 5.55 -7.75 8.84
N LEU A 120 4.98 -7.00 9.79
CA LEU A 120 4.23 -7.60 10.89
C LEU A 120 2.85 -8.16 10.47
N ALA A 121 2.41 -7.81 9.27
CA ALA A 121 1.12 -8.29 8.80
C ALA A 121 1.25 -9.53 7.91
N THR A 122 2.34 -9.61 7.16
CA THR A 122 2.51 -10.71 6.22
C THR A 122 3.50 -11.76 6.72
N GLY A 123 4.37 -11.37 7.65
CA GLY A 123 5.43 -12.24 8.09
C GLY A 123 6.65 -12.25 7.15
N ASP A 124 6.62 -11.45 6.09
CA ASP A 124 7.82 -11.32 5.24
C ASP A 124 9.02 -10.79 6.02
N GLU A 125 10.15 -11.47 5.86
CA GLU A 125 11.35 -11.07 6.57
C GLU A 125 12.42 -10.61 5.59
N TYR A 126 12.83 -9.35 5.73
CA TYR A 126 13.96 -8.83 4.98
C TYR A 126 15.15 -8.60 5.92
N TYR A 127 16.33 -9.03 5.51
CA TYR A 127 17.54 -8.66 6.24
C TYR A 127 18.75 -8.66 5.33
N ALA A 128 19.84 -8.09 5.81
CA ALA A 128 21.09 -8.12 5.07
C ALA A 128 22.29 -8.11 6.02
N ASP A 129 23.33 -8.84 5.63
CA ASP A 129 24.57 -8.89 6.39
C ASP A 129 25.73 -8.99 5.38
N SER A 130 26.92 -9.39 5.85
CA SER A 130 28.09 -9.43 4.96
C SER A 130 27.90 -10.37 3.77
N SER A 131 26.98 -11.33 3.89
CA SER A 131 26.75 -12.31 2.83
C SER A 131 25.75 -11.84 1.76
N GLY A 132 25.12 -10.68 1.98
CA GLY A 132 24.12 -10.18 1.05
C GLY A 132 22.78 -9.82 1.67
N ALA A 133 21.76 -9.63 0.83
CA ALA A 133 20.43 -9.25 1.26
C ALA A 133 19.45 -10.40 1.03
N TYR A 134 18.45 -10.52 1.90
CA TYR A 134 17.54 -11.65 1.84
C TYR A 134 16.09 -11.24 2.04
N ARG A 135 15.20 -11.93 1.34
CA ARG A 135 13.77 -11.86 1.60
C ARG A 135 13.33 -13.30 1.85
N ASN A 136 12.75 -13.52 3.03
CA ASN A 136 12.35 -14.87 3.46
C ASN A 136 13.37 -15.97 3.14
N GLY A 137 14.62 -15.73 3.53
CA GLY A 137 15.66 -16.73 3.33
C GLY A 137 16.27 -16.79 1.94
N GLU A 138 15.72 -16.03 0.99
CA GLU A 138 16.24 -16.03 -0.38
C GLU A 138 16.97 -14.75 -0.73
N ARG A 139 18.12 -14.89 -1.40
CA ARG A 139 18.94 -13.75 -1.82
C ARG A 139 18.15 -12.83 -2.75
N ILE A 140 18.27 -11.51 -2.54
CA ILE A 140 17.59 -10.55 -3.40
C ILE A 140 18.57 -9.54 -3.97
N GLU A 141 18.12 -8.81 -4.99
CA GLU A 141 18.89 -7.71 -5.54
C GLU A 141 17.98 -6.73 -6.24
N VAL A 142 18.46 -5.49 -6.39
CA VAL A 142 17.64 -4.44 -6.99
C VAL A 142 17.46 -4.71 -8.48
N SER A 143 16.45 -4.08 -9.08
CA SER A 143 16.20 -4.26 -10.49
C SER A 143 17.29 -3.56 -11.31
N ASP A 144 17.33 -3.85 -12.60
CA ASP A 144 18.34 -3.25 -13.47
C ASP A 144 17.75 -2.23 -14.43
N ALA A 145 16.55 -1.75 -14.13
CA ALA A 145 15.86 -0.75 -14.95
C ALA A 145 16.72 0.49 -15.13
N GLU A 146 16.82 0.98 -16.37
CA GLU A 146 17.68 2.12 -16.66
C GLU A 146 16.90 3.35 -17.09
N GLU A 147 15.59 3.20 -17.24
CA GLU A 147 14.79 4.29 -17.76
C GLU A 147 13.98 4.98 -16.67
N LEU A 148 13.77 6.27 -16.84
CA LEU A 148 12.94 7.01 -15.92
C LEU A 148 11.51 6.50 -15.95
N TYR A 149 11.08 5.99 -17.11
CA TYR A 149 9.77 5.38 -17.24
C TYR A 149 9.79 4.03 -16.49
N CYS A 150 9.70 4.10 -15.17
CA CYS A 150 9.83 2.93 -14.32
C CYS A 150 8.84 2.93 -13.15
N ASN A 151 8.94 1.90 -12.30
CA ASN A 151 8.04 1.77 -11.16
C ASN A 151 8.66 2.38 -9.90
N ALA A 152 8.06 3.47 -9.43
CA ALA A 152 8.68 4.31 -8.40
C ALA A 152 7.85 4.40 -7.13
N ILE A 153 8.53 4.32 -5.99
CA ILE A 153 7.91 4.74 -4.75
C ILE A 153 8.46 6.13 -4.46
N ILE A 154 7.58 7.09 -4.20
CA ILE A 154 8.05 8.46 -4.08
C ILE A 154 7.22 9.33 -3.13
N TYR A 155 7.91 9.92 -2.15
CA TYR A 155 7.33 10.85 -1.20
C TYR A 155 7.98 12.20 -1.46
N TYR A 156 7.26 13.18 -2.02
CA TYR A 156 5.93 13.06 -2.59
C TYR A 156 6.07 13.59 -4.02
N PRO A 157 5.27 13.07 -4.96
CA PRO A 157 5.30 13.71 -6.28
C PRO A 157 4.58 15.06 -6.23
N ASP A 158 5.23 16.11 -6.72
CA ASP A 158 4.70 17.47 -6.62
C ASP A 158 4.67 18.18 -7.97
N ARG A 159 4.88 17.43 -9.04
CA ARG A 159 4.98 17.96 -10.38
C ARG A 159 4.73 16.81 -11.35
N LYS A 160 4.65 17.10 -12.64
CA LYS A 160 4.51 16.03 -13.62
C LYS A 160 5.80 15.24 -13.69
N PHE A 161 5.68 13.92 -13.69
CA PHE A 161 6.83 13.02 -13.63
C PHE A 161 6.73 11.98 -14.74
N PRO A 162 7.85 11.38 -15.13
CA PRO A 162 7.80 10.46 -16.27
C PRO A 162 7.61 8.99 -15.90
N PHE A 163 7.28 8.71 -14.64
CA PHE A 163 7.20 7.31 -14.16
C PHE A 163 6.12 6.43 -14.80
N LYS A 164 6.40 5.13 -14.90
CA LYS A 164 5.40 4.16 -15.34
C LYS A 164 4.33 4.02 -14.25
N ARG A 165 4.77 3.86 -13.00
CA ARG A 165 3.86 3.85 -11.85
C ARG A 165 4.46 4.62 -10.69
N MET A 166 3.60 5.30 -9.93
CA MET A 166 4.01 5.88 -8.66
C MET A 166 3.21 5.26 -7.53
N ARG A 167 3.89 4.87 -6.46
CA ARG A 167 3.21 4.28 -5.31
C ARG A 167 3.70 4.92 -4.02
N ILE A 168 2.81 4.98 -3.03
CA ILE A 168 3.14 5.46 -1.70
C ILE A 168 2.38 4.59 -0.70
N PHE A 169 3.09 3.72 0.00
CA PHE A 169 2.43 2.71 0.84
C PHE A 169 2.32 3.05 2.32
N GLY A 170 3.05 4.09 2.77
CA GLY A 170 2.99 4.49 4.17
C GLY A 170 3.88 3.72 5.14
N SER A 171 4.96 3.13 4.63
CA SER A 171 5.87 2.40 5.51
C SER A 171 7.28 2.39 4.94
N ALA A 172 8.03 3.47 5.18
CA ALA A 172 9.32 3.67 4.51
C ALA A 172 10.31 2.49 4.63
N ALA A 173 10.44 1.91 5.82
CA ALA A 173 11.31 0.77 6.01
C ALA A 173 10.96 -0.39 5.06
N THR A 174 9.65 -0.66 4.94
CA THR A 174 9.18 -1.76 4.11
C THR A 174 9.32 -1.40 2.64
N GLU A 175 9.03 -0.15 2.33
CA GLU A 175 9.10 0.32 0.95
C GLU A 175 10.54 0.29 0.43
N LEU A 176 11.51 0.60 1.31
CA LEU A 176 12.91 0.49 0.91
C LEU A 176 13.26 -0.96 0.60
N CYS A 177 12.58 -1.89 1.27
CA CYS A 177 12.77 -3.31 0.99
C CYS A 177 12.08 -3.74 -0.33
N PHE A 178 10.92 -3.16 -0.65
CA PHE A 178 10.31 -3.36 -1.97
C PHE A 178 11.30 -2.94 -3.06
N PHE A 179 12.02 -1.84 -2.83
CA PHE A 179 13.06 -1.45 -3.77
C PHE A 179 14.23 -2.45 -3.75
N ALA A 180 14.68 -2.81 -2.54
CA ALA A 180 15.79 -3.75 -2.40
C ALA A 180 15.58 -5.05 -3.15
N ASP A 181 14.35 -5.56 -3.16
CA ASP A 181 14.13 -6.86 -3.77
C ASP A 181 13.74 -6.80 -5.25
N GLY A 182 13.70 -5.58 -5.79
CA GLY A 182 13.44 -5.39 -7.20
C GLY A 182 11.96 -5.24 -7.54
N SER A 183 11.10 -5.32 -6.53
CA SER A 183 9.66 -5.12 -6.78
C SER A 183 9.43 -3.73 -7.38
N PHE A 184 10.15 -2.73 -6.85
CA PHE A 184 10.12 -1.39 -7.45
C PHE A 184 11.51 -1.01 -7.92
N ASP A 185 11.61 -0.07 -8.87
CA ASP A 185 12.90 0.28 -9.50
C ASP A 185 13.64 1.39 -8.77
N CYS A 186 12.91 2.12 -7.92
CA CYS A 186 13.51 3.19 -7.14
C CYS A 186 12.63 3.61 -5.96
N PHE A 187 13.25 4.20 -4.95
CA PHE A 187 12.56 4.79 -3.82
C PHE A 187 13.05 6.22 -3.67
N LEU A 188 12.13 7.18 -3.59
CA LEU A 188 12.51 8.57 -3.36
C LEU A 188 11.77 9.19 -2.19
N ASP A 189 12.49 9.82 -1.30
CA ASP A 189 11.85 10.71 -0.34
C ASP A 189 12.50 12.06 -0.50
N ILE A 190 11.80 12.94 -1.22
CA ILE A 190 12.33 14.25 -1.59
C ILE A 190 11.55 15.36 -0.92
N ARG A 191 10.84 15.03 0.16
CA ARG A 191 10.07 16.03 0.87
C ARG A 191 11.01 17.09 1.43
N PRO A 192 10.77 18.36 1.07
CA PRO A 192 11.62 19.49 1.44
C PRO A 192 11.80 19.62 2.96
N GLY A 193 10.79 19.28 3.73
CA GLY A 193 10.93 19.27 5.18
C GLY A 193 12.04 18.36 5.69
N LYS A 194 12.40 17.34 4.89
CA LYS A 194 13.35 16.29 5.30
C LYS A 194 12.80 15.56 6.53
N MET A 195 11.76 14.74 6.31
CA MET A 195 10.96 14.13 7.37
C MET A 195 11.44 12.78 7.91
N LEU A 196 12.12 11.98 7.08
CA LEU A 196 12.57 10.65 7.52
C LEU A 196 13.52 10.75 8.72
N ARG A 197 13.34 9.88 9.71
CA ARG A 197 14.28 9.76 10.83
C ARG A 197 15.21 8.57 10.61
N ILE A 198 16.28 8.51 11.40
CA ILE A 198 17.28 7.46 11.25
C ILE A 198 16.67 6.05 11.42
N TYR A 199 15.70 5.91 12.34
CA TYR A 199 15.09 4.59 12.59
C TYR A 199 14.07 4.18 11.52
N ASP A 200 13.55 5.15 10.77
CA ASP A 200 12.68 4.85 9.63
C ASP A 200 13.48 4.24 8.48
N ALA A 201 14.69 4.74 8.29
CA ALA A 201 15.42 4.53 7.04
C ALA A 201 16.63 3.61 7.15
N ALA A 202 17.31 3.63 8.28
CA ALA A 202 18.62 2.99 8.39
C ALA A 202 18.64 1.54 7.91
N ALA A 203 17.71 0.72 8.41
CA ALA A 203 17.69 -0.69 8.03
C ALA A 203 17.38 -0.85 6.54
N GLY A 204 16.36 -0.11 6.07
CA GLY A 204 15.99 -0.16 4.67
C GLY A 204 17.17 0.22 3.77
N VAL A 205 17.85 1.31 4.12
CA VAL A 205 19.02 1.75 3.37
C VAL A 205 20.09 0.65 3.29
N PHE A 206 20.45 0.11 4.45
CA PHE A 206 21.47 -0.93 4.51
C PHE A 206 21.08 -2.17 3.68
N ILE A 207 19.82 -2.58 3.75
CA ILE A 207 19.39 -3.74 2.98
C ILE A 207 19.44 -3.45 1.47
N ALA A 208 18.96 -2.28 1.08
CA ALA A 208 18.96 -1.91 -0.33
C ALA A 208 20.38 -1.84 -0.90
N GLU A 209 21.33 -1.31 -0.12
CA GLU A 209 22.72 -1.21 -0.59
C GLU A 209 23.32 -2.60 -0.73
N LYS A 210 23.04 -3.48 0.22
CA LYS A 210 23.54 -4.84 0.14
C LYS A 210 22.96 -5.57 -1.07
N ALA A 211 21.77 -5.14 -1.49
CA ALA A 211 21.09 -5.71 -2.64
C ALA A 211 21.59 -5.09 -3.96
N GLY A 212 22.58 -4.22 -3.89
CA GLY A 212 23.18 -3.66 -5.09
C GLY A 212 22.72 -2.25 -5.40
N GLY A 213 21.85 -1.70 -4.54
CA GLY A 213 21.29 -0.40 -4.80
C GLY A 213 22.23 0.74 -4.45
N LYS A 214 22.18 1.81 -5.21
CA LYS A 214 22.88 3.02 -4.82
C LYS A 214 21.90 3.91 -4.07
N VAL A 215 22.27 4.33 -2.87
CA VAL A 215 21.36 5.09 -2.02
C VAL A 215 22.07 6.30 -1.43
N THR A 216 21.52 7.48 -1.70
CA THR A 216 22.17 8.73 -1.31
C THR A 216 21.16 9.75 -0.79
N GLU A 217 21.68 10.89 -0.31
CA GLU A 217 20.86 12.05 -0.04
C GLU A 217 20.45 12.71 -1.36
N LEU A 218 19.72 13.81 -1.23
CA LEU A 218 19.11 14.54 -2.35
C LEU A 218 20.09 14.90 -3.46
N ASP A 219 21.30 15.29 -3.06
CA ASP A 219 22.31 15.80 -3.97
C ASP A 219 23.33 14.74 -4.38
N GLY A 220 23.06 13.48 -4.04
CA GLY A 220 23.98 12.41 -4.39
C GLY A 220 25.02 12.16 -3.30
N GLU A 221 24.98 12.96 -2.24
CA GLU A 221 25.90 12.80 -1.11
C GLU A 221 25.68 11.48 -0.38
N SER A 222 26.77 10.90 0.10
CA SER A 222 26.75 9.68 0.90
C SER A 222 25.92 9.81 2.19
N LEU A 223 25.33 8.71 2.64
CA LEU A 223 24.55 8.71 3.87
C LEU A 223 25.39 8.25 5.06
N GLY A 224 26.68 8.01 4.81
CA GLY A 224 27.56 7.42 5.80
C GLY A 224 27.64 8.16 7.12
N ASN A 225 27.59 9.49 7.07
CA ASN A 225 27.72 10.28 8.29
C ASN A 225 26.40 10.60 8.99
N LYS A 226 25.30 10.04 8.48
CA LYS A 226 24.01 10.17 9.19
C LYS A 226 24.11 9.57 10.58
N LYS A 227 23.59 10.28 11.58
CA LYS A 227 23.80 9.87 12.96
C LYS A 227 22.64 9.11 13.56
N PHE A 228 22.96 8.18 14.46
CA PHE A 228 21.95 7.48 15.23
C PHE A 228 21.55 8.34 16.43
N ASP A 229 20.75 9.37 16.17
CA ASP A 229 20.16 10.17 17.24
C ASP A 229 18.78 10.67 16.81
N MET A 230 18.06 11.30 17.73
CA MET A 230 16.69 11.71 17.45
C MET A 230 16.64 12.91 16.52
N GLN A 231 17.76 13.62 16.38
CA GLN A 231 17.78 14.86 15.62
C GLN A 231 18.01 14.63 14.12
N GLU A 232 18.53 13.45 13.77
CA GLU A 232 18.88 13.19 12.39
C GLU A 232 17.67 13.16 11.43
N ARG A 233 17.84 13.69 10.23
CA ARG A 233 16.79 13.69 9.21
C ARG A 233 17.37 13.27 7.85
N LEU A 234 16.55 12.65 7.02
CA LEU A 234 17.05 12.16 5.74
C LEU A 234 16.08 12.43 4.58
N ASN A 235 16.65 12.83 3.45
CA ASN A 235 15.99 12.65 2.16
C ASN A 235 16.73 11.49 1.54
N ILE A 236 16.07 10.75 0.65
CA ILE A 236 16.67 9.55 0.08
C ILE A 236 16.44 9.51 -1.43
N VAL A 237 17.48 9.14 -2.17
CA VAL A 237 17.35 8.80 -3.58
C VAL A 237 18.01 7.44 -3.75
N ALA A 238 17.22 6.43 -4.09
CA ALA A 238 17.72 5.07 -4.15
C ALA A 238 17.37 4.42 -5.48
N ALA A 239 18.36 3.84 -6.16
CA ALA A 239 18.12 3.15 -7.43
C ALA A 239 19.39 2.41 -7.79
N ASN A 240 19.31 1.47 -8.73
CA ASN A 240 20.54 0.92 -9.28
C ASN A 240 21.41 2.05 -9.82
N GLU A 241 22.69 1.77 -10.03
CA GLU A 241 23.66 2.81 -10.36
C GLU A 241 23.47 3.42 -11.76
N LYS A 242 22.79 2.72 -12.66
CA LYS A 242 22.50 3.29 -13.98
C LYS A 242 21.35 4.30 -13.89
N LEU A 243 20.31 3.93 -13.16
CA LEU A 243 19.13 4.78 -13.06
C LEU A 243 19.37 5.97 -12.13
N HIS A 244 20.15 5.72 -11.09
CA HIS A 244 20.32 6.68 -10.00
C HIS A 244 20.70 8.11 -10.45
N PRO A 245 21.75 8.24 -11.30
CA PRO A 245 22.10 9.62 -11.70
C PRO A 245 21.01 10.28 -12.54
N LYS A 246 20.23 9.52 -13.30
CA LYS A 246 19.12 10.14 -14.04
C LYS A 246 18.10 10.74 -13.06
N LEU A 247 17.84 10.03 -11.96
CA LEU A 247 16.91 10.53 -10.94
C LEU A 247 17.43 11.82 -10.30
N LEU A 248 18.74 11.85 -10.00
CA LEU A 248 19.35 13.06 -9.46
C LEU A 248 19.10 14.27 -10.38
N GLU A 249 19.31 14.09 -11.69
CA GLU A 249 19.02 15.17 -12.64
CA GLU A 249 19.06 15.15 -12.55
C GLU A 249 17.53 15.51 -12.70
N LEU A 250 16.68 14.50 -12.59
CA LEU A 250 15.24 14.71 -12.66
C LEU A 250 14.71 15.66 -11.59
N ILE A 251 15.24 15.54 -10.36
CA ILE A 251 14.64 16.26 -9.24
C ILE A 251 15.25 17.62 -8.93
N LYS A 252 16.23 18.03 -9.72
CA LYS A 252 16.69 19.41 -9.63
C LYS A 252 15.57 20.38 -10.03
N MET B 1 -32.74 -11.94 -9.98
CA MET B 1 -31.64 -11.81 -9.04
C MET B 1 -31.82 -10.62 -8.11
N ASP B 2 -31.69 -10.86 -6.80
CA ASP B 2 -31.66 -9.73 -5.88
C ASP B 2 -30.32 -9.60 -5.16
N GLU B 3 -30.28 -8.68 -4.19
CA GLU B 3 -29.05 -8.36 -3.51
C GLU B 3 -28.53 -9.51 -2.64
N ARG B 4 -29.44 -10.39 -2.20
CA ARG B 4 -29.03 -11.55 -1.42
C ARG B 4 -28.38 -12.58 -2.33
N ASP B 5 -28.93 -12.75 -3.52
CA ASP B 5 -28.32 -13.65 -4.49
C ASP B 5 -26.92 -13.13 -4.81
N ALA B 6 -26.83 -11.83 -5.05
CA ALA B 6 -25.57 -11.23 -5.46
C ALA B 6 -24.49 -11.43 -4.39
N LEU B 7 -24.85 -11.22 -3.12
CA LEU B 7 -23.93 -11.49 -2.01
C LEU B 7 -23.46 -12.94 -2.01
N ARG B 8 -24.38 -13.86 -2.24
CA ARG B 8 -24.05 -15.29 -2.22
C ARG B 8 -23.11 -15.63 -3.38
N ILE B 9 -23.45 -15.13 -4.56
CA ILE B 9 -22.64 -15.34 -5.76
C ILE B 9 -21.23 -14.78 -5.54
N SER B 10 -21.18 -13.52 -5.09
CA SER B 10 -19.91 -12.86 -4.82
C SER B 10 -19.03 -13.65 -3.84
N ARG B 11 -19.63 -14.14 -2.76
CA ARG B 11 -18.85 -14.87 -1.76
C ARG B 11 -18.28 -16.16 -2.33
N GLU B 12 -19.03 -16.81 -3.20
CA GLU B 12 -18.54 -18.03 -3.82
C GLU B 12 -17.38 -17.71 -4.79
N ILE B 13 -17.51 -16.62 -5.52
CA ILE B 13 -16.42 -16.19 -6.41
C ILE B 13 -15.17 -15.84 -5.61
N ALA B 14 -15.34 -15.03 -4.56
CA ALA B 14 -14.22 -14.65 -3.70
C ALA B 14 -13.47 -15.89 -3.20
N GLY B 15 -14.22 -16.90 -2.76
CA GLY B 15 -13.61 -18.11 -2.25
C GLY B 15 -12.79 -18.81 -3.32
N GLU B 16 -13.36 -18.97 -4.51
CA GLU B 16 -12.65 -19.64 -5.59
C GLU B 16 -11.46 -18.82 -6.12
N VAL B 17 -11.63 -17.51 -6.26
CA VAL B 17 -10.50 -16.69 -6.70
C VAL B 17 -9.37 -16.71 -5.66
N ARG B 18 -9.73 -16.60 -4.38
CA ARG B 18 -8.72 -16.61 -3.31
C ARG B 18 -7.89 -17.89 -3.36
N LYS B 19 -8.57 -19.03 -3.47
CA LYS B 19 -7.89 -20.33 -3.52
C LYS B 19 -6.98 -20.41 -4.74
N ALA B 20 -7.45 -19.92 -5.89
CA ALA B 20 -6.67 -19.98 -7.11
C ALA B 20 -5.41 -19.11 -7.06
N ILE B 21 -5.51 -17.92 -6.48
CA ILE B 21 -4.35 -17.02 -6.40
C ILE B 21 -3.34 -17.48 -5.35
N ALA B 22 -3.84 -17.87 -4.17
CA ALA B 22 -2.98 -18.22 -3.05
C ALA B 22 -2.03 -19.38 -3.37
N SER B 23 -2.49 -20.29 -4.22
CA SER B 23 -1.67 -21.45 -4.57
C SER B 23 -0.67 -21.14 -5.70
N MET B 24 -0.67 -19.91 -6.21
CA MET B 24 0.18 -19.57 -7.35
C MET B 24 1.43 -18.78 -6.91
N PRO B 25 2.61 -19.39 -7.10
CA PRO B 25 3.85 -18.70 -6.71
C PRO B 25 4.01 -17.41 -7.50
N LEU B 26 4.73 -16.44 -6.95
CA LEU B 26 4.89 -15.14 -7.59
C LEU B 26 5.48 -15.28 -9.01
N ARG B 27 6.43 -16.21 -9.17
CA ARG B 27 7.05 -16.51 -10.46
C ARG B 27 6.02 -16.83 -11.54
N GLU B 28 4.99 -17.57 -11.18
CA GLU B 28 3.96 -17.93 -12.14
C GLU B 28 3.01 -16.76 -12.34
N ARG B 29 2.62 -16.12 -11.25
CA ARG B 29 1.60 -15.06 -11.30
C ARG B 29 1.97 -13.98 -12.30
N VAL B 30 3.27 -13.65 -12.34
CA VAL B 30 3.77 -12.49 -13.06
C VAL B 30 3.90 -12.70 -14.58
N LYS B 31 3.73 -13.96 -15.03
CA LYS B 31 3.90 -14.27 -16.46
C LYS B 31 2.76 -13.72 -17.33
N ASP B 32 3.13 -12.98 -18.37
CA ASP B 32 2.17 -12.58 -19.40
C ASP B 32 1.65 -13.83 -20.10
N VAL B 33 0.34 -13.93 -20.29
CA VAL B 33 -0.23 -15.08 -21.01
C VAL B 33 -1.04 -14.70 -22.22
N GLY B 34 -1.31 -13.40 -22.39
CA GLY B 34 -2.08 -12.91 -23.52
C GLY B 34 -2.41 -11.44 -23.42
N MET B 35 -3.13 -10.94 -24.43
CA MET B 35 -3.54 -9.55 -24.46
C MET B 35 -5.00 -9.45 -24.01
N GLY B 36 -5.27 -8.61 -23.02
CA GLY B 36 -6.64 -8.52 -22.50
C GLY B 36 -7.51 -7.72 -23.44
N LYS B 37 -8.82 -7.91 -23.38
CA LYS B 37 -9.74 -7.09 -24.17
C LYS B 37 -9.66 -5.61 -23.81
N ASP B 38 -9.11 -5.30 -22.64
CA ASP B 38 -8.95 -3.90 -22.24
C ASP B 38 -7.72 -3.28 -22.91
N GLY B 39 -6.94 -4.11 -23.59
CA GLY B 39 -5.73 -3.61 -24.24
C GLY B 39 -4.51 -3.57 -23.34
N THR B 40 -4.54 -4.29 -22.23
CA THR B 40 -3.36 -4.44 -21.38
C THR B 40 -3.12 -5.93 -21.21
N PRO B 41 -1.88 -6.33 -20.89
CA PRO B 41 -1.60 -7.76 -20.79
C PRO B 41 -2.40 -8.45 -19.70
N THR B 42 -2.83 -9.68 -19.99
CA THR B 42 -3.39 -10.56 -18.98
C THR B 42 -2.22 -11.34 -18.37
N LYS B 43 -1.98 -11.16 -17.08
CA LYS B 43 -1.00 -12.01 -16.38
C LYS B 43 -1.66 -13.34 -16.06
N ALA B 44 -0.82 -14.36 -15.83
CA ALA B 44 -1.32 -15.67 -15.41
C ALA B 44 -2.23 -15.57 -14.17
N ALA B 45 -1.90 -14.67 -13.24
CA ALA B 45 -2.76 -14.44 -12.07
C ALA B 45 -4.14 -13.91 -12.49
N ASP B 46 -4.15 -12.97 -13.43
CA ASP B 46 -5.42 -12.46 -13.98
C ASP B 46 -6.27 -13.57 -14.59
N ARG B 47 -5.61 -14.44 -15.34
CA ARG B 47 -6.29 -15.51 -16.07
C ARG B 47 -6.95 -16.51 -15.12
N VAL B 48 -6.21 -16.97 -14.10
CA VAL B 48 -6.79 -17.96 -13.20
C VAL B 48 -7.92 -17.36 -12.38
N ALA B 49 -7.74 -16.10 -11.94
CA ALA B 49 -8.79 -15.39 -11.21
C ALA B 49 -10.05 -15.25 -12.07
N GLU B 50 -9.89 -14.81 -13.32
CA GLU B 50 -11.06 -14.65 -14.17
C GLU B 50 -11.76 -15.98 -14.45
N ASP B 51 -11.00 -17.02 -14.79
CA ASP B 51 -11.61 -18.33 -15.00
C ASP B 51 -12.40 -18.79 -13.77
N ALA B 52 -11.81 -18.65 -12.58
CA ALA B 52 -12.52 -19.01 -11.35
C ALA B 52 -13.86 -18.28 -11.24
N ALA B 53 -13.83 -16.98 -11.55
CA ALA B 53 -15.02 -16.14 -11.43
C ALA B 53 -16.03 -16.46 -12.53
N LEU B 54 -15.58 -16.55 -13.77
CA LEU B 54 -16.48 -16.82 -14.90
C LEU B 54 -17.17 -18.19 -14.80
N GLU B 55 -16.50 -19.15 -14.18
CA GLU B 55 -17.06 -20.49 -13.98
C GLU B 55 -18.34 -20.41 -13.15
N ILE B 56 -18.39 -19.44 -12.24
CA ILE B 56 -19.56 -19.25 -11.39
C ILE B 56 -20.60 -18.33 -12.02
N LEU B 57 -20.14 -17.25 -12.64
CA LEU B 57 -21.05 -16.28 -13.28
C LEU B 57 -21.77 -16.86 -14.49
N ARG B 58 -21.11 -17.82 -15.14
CA ARG B 58 -21.64 -18.51 -16.33
C ARG B 58 -23.01 -19.14 -16.10
N LYS B 59 -23.29 -19.52 -14.85
CA LYS B 59 -24.54 -20.15 -14.49
C LYS B 59 -25.68 -19.16 -14.26
N GLU B 60 -25.37 -17.87 -14.24
CA GLU B 60 -26.39 -16.87 -13.93
C GLU B 60 -26.84 -16.17 -15.21
N ARG B 61 -28.01 -15.54 -15.16
CA ARG B 61 -28.50 -14.83 -16.33
C ARG B 61 -27.97 -13.39 -16.34
N VAL B 62 -26.73 -13.24 -16.79
CA VAL B 62 -26.07 -11.95 -16.69
C VAL B 62 -25.28 -11.63 -17.95
N THR B 63 -24.98 -10.34 -18.11
CA THR B 63 -24.01 -9.88 -19.07
C THR B 63 -22.81 -9.43 -18.23
N VAL B 64 -21.67 -10.08 -18.44
CA VAL B 64 -20.47 -9.79 -17.68
C VAL B 64 -19.57 -8.82 -18.46
N VAL B 65 -19.13 -7.74 -17.82
CA VAL B 65 -18.11 -6.88 -18.39
C VAL B 65 -16.85 -7.04 -17.55
N THR B 66 -15.84 -7.68 -18.11
CA THR B 66 -14.66 -8.07 -17.35
C THR B 66 -13.36 -7.72 -18.09
N GLU B 67 -12.31 -7.41 -17.33
CA GLU B 67 -11.09 -6.83 -17.89
C GLU B 67 -10.43 -7.65 -18.99
N GLU B 68 -10.27 -8.95 -18.76
CA GLU B 68 -9.48 -9.77 -19.67
C GLU B 68 -10.30 -10.29 -20.86
N SER B 69 -11.49 -10.82 -20.59
CA SER B 69 -12.31 -11.41 -21.66
C SER B 69 -13.38 -10.48 -22.28
N GLY B 70 -13.53 -9.26 -21.75
CA GLY B 70 -14.45 -8.30 -22.35
C GLY B 70 -15.91 -8.51 -21.96
N VAL B 71 -16.82 -8.24 -22.90
CA VAL B 71 -18.26 -8.40 -22.65
C VAL B 71 -18.72 -9.81 -23.02
N LEU B 72 -19.30 -10.53 -22.04
CA LEU B 72 -19.74 -11.92 -22.23
C LEU B 72 -21.16 -12.16 -21.75
N GLY B 73 -21.94 -12.90 -22.52
CA GLY B 73 -23.30 -13.29 -22.12
C GLY B 73 -24.38 -12.33 -22.60
N GLU B 74 -25.64 -12.64 -22.27
CA GLU B 74 -26.78 -11.87 -22.77
C GLU B 74 -27.82 -11.56 -21.70
N GLY B 75 -27.50 -11.80 -20.43
CA GLY B 75 -28.47 -11.59 -19.37
C GLY B 75 -28.83 -10.13 -19.14
N ASP B 76 -29.95 -9.91 -18.44
CA ASP B 76 -30.45 -8.57 -18.19
C ASP B 76 -29.76 -7.89 -17.00
N VAL B 77 -29.21 -8.69 -16.09
CA VAL B 77 -28.41 -8.15 -14.99
C VAL B 77 -26.95 -7.95 -15.44
N PHE B 78 -26.47 -6.72 -15.38
CA PHE B 78 -25.08 -6.45 -15.77
C PHE B 78 -24.13 -6.53 -14.56
N VAL B 79 -22.99 -7.18 -14.77
CA VAL B 79 -21.99 -7.39 -13.71
C VAL B 79 -20.65 -6.82 -14.16
N ALA B 80 -20.18 -5.77 -13.49
CA ALA B 80 -18.85 -5.27 -13.79
C ALA B 80 -17.87 -6.05 -12.92
N LEU B 81 -17.03 -6.86 -13.57
CA LEU B 81 -16.10 -7.74 -12.87
C LEU B 81 -14.63 -7.37 -13.07
N ASP B 82 -13.95 -7.08 -11.97
CA ASP B 82 -12.51 -7.02 -12.03
C ASP B 82 -11.98 -8.24 -11.27
N PRO B 83 -11.51 -9.25 -12.02
CA PRO B 83 -11.20 -10.53 -11.37
C PRO B 83 -9.99 -10.42 -10.44
N LEU B 84 -9.13 -9.44 -10.70
CA LEU B 84 -7.98 -9.18 -9.85
C LEU B 84 -7.61 -7.71 -9.97
N ASP B 85 -8.02 -6.88 -9.03
CA ASP B 85 -7.71 -5.44 -9.09
C ASP B 85 -6.43 -5.21 -8.26
N GLY B 86 -5.35 -4.75 -8.89
CA GLY B 86 -4.08 -4.63 -8.22
C GLY B 86 -3.11 -5.73 -8.60
N THR B 87 -3.11 -6.10 -9.88
CA THR B 87 -2.29 -7.20 -10.39
C THR B 87 -0.80 -6.99 -10.11
N PHE B 88 -0.32 -5.75 -10.31
CA PHE B 88 1.08 -5.47 -9.99
C PHE B 88 1.42 -5.88 -8.55
N ASN B 89 0.59 -5.51 -7.59
CA ASN B 89 0.82 -5.92 -6.19
C ASN B 89 0.80 -7.44 -6.02
N ALA B 90 -0.19 -8.10 -6.60
CA ALA B 90 -0.29 -9.54 -6.49
C ALA B 90 0.96 -10.23 -7.03
N THR B 91 1.49 -9.75 -8.14
CA THR B 91 2.66 -10.41 -8.72
C THR B 91 3.94 -10.10 -7.93
N ARG B 92 3.90 -9.10 -7.06
CA ARG B 92 5.07 -8.73 -6.23
C ARG B 92 4.89 -9.21 -4.79
N GLY B 93 3.76 -9.84 -4.48
CA GLY B 93 3.51 -10.25 -3.12
C GLY B 93 3.12 -9.12 -2.16
N ILE B 94 2.73 -7.97 -2.71
CA ILE B 94 2.27 -6.85 -1.89
C ILE B 94 0.78 -7.00 -1.61
N PRO B 95 0.41 -7.15 -0.32
CA PRO B 95 -0.92 -7.63 0.07
C PRO B 95 -2.08 -6.62 -0.06
N VAL B 96 -2.14 -5.88 -1.16
CA VAL B 96 -3.30 -5.05 -1.42
C VAL B 96 -3.79 -5.33 -2.82
N TYR B 97 -4.72 -6.27 -2.94
CA TYR B 97 -5.32 -6.60 -4.24
C TYR B 97 -6.59 -7.38 -3.97
N SER B 98 -7.55 -7.26 -4.88
CA SER B 98 -8.85 -7.80 -4.57
C SER B 98 -9.63 -8.17 -5.81
N VAL B 99 -10.74 -8.88 -5.61
CA VAL B 99 -11.67 -9.14 -6.70
C VAL B 99 -12.84 -8.20 -6.49
N SER B 100 -13.29 -7.56 -7.57
CA SER B 100 -14.30 -6.52 -7.49
C SER B 100 -15.49 -6.86 -8.37
N LEU B 101 -16.70 -6.69 -7.83
CA LEU B 101 -17.92 -6.99 -8.58
C LEU B 101 -19.01 -5.98 -8.28
N CYS B 102 -19.64 -5.48 -9.33
CA CYS B 102 -20.78 -4.57 -9.16
C CYS B 102 -21.92 -5.09 -10.02
N PHE B 103 -23.09 -5.27 -9.41
CA PHE B 103 -24.25 -5.79 -10.13
C PHE B 103 -25.23 -4.65 -10.39
N SER B 104 -25.73 -4.55 -11.62
CA SER B 104 -26.70 -3.52 -11.98
C SER B 104 -27.90 -4.07 -12.75
N TYR B 105 -29.05 -3.42 -12.60
CA TYR B 105 -30.26 -3.83 -13.31
C TYR B 105 -30.34 -3.22 -14.71
N SER B 106 -29.28 -2.52 -15.11
CA SER B 106 -29.15 -2.10 -16.51
C SER B 106 -27.68 -1.96 -16.84
N ASP B 107 -27.37 -1.46 -18.02
CA ASP B 107 -25.96 -1.24 -18.36
C ASP B 107 -25.44 0.11 -17.88
N LYS B 108 -26.14 0.73 -16.94
CA LYS B 108 -25.70 2.01 -16.38
C LYS B 108 -25.46 1.93 -14.87
N LEU B 109 -24.50 2.71 -14.38
CA LEU B 109 -24.10 2.64 -12.96
C LEU B 109 -25.26 3.02 -12.03
N LYS B 110 -26.13 3.91 -12.49
CA LYS B 110 -27.24 4.39 -11.65
C LYS B 110 -28.21 3.29 -11.25
N ASP B 111 -28.20 2.17 -11.98
CA ASP B 111 -29.10 1.07 -11.68
C ASP B 111 -28.40 -0.03 -10.90
N ALA B 112 -27.24 0.30 -10.33
CA ALA B 112 -26.52 -0.65 -9.47
C ALA B 112 -27.36 -1.06 -8.25
N PHE B 113 -27.34 -2.34 -7.91
CA PHE B 113 -28.00 -2.80 -6.68
C PHE B 113 -27.06 -3.52 -5.71
N PHE B 114 -25.85 -3.82 -6.15
CA PHE B 114 -24.91 -4.51 -5.28
C PHE B 114 -23.45 -4.25 -5.66
N GLY B 115 -22.62 -4.03 -4.66
CA GLY B 115 -21.19 -3.87 -4.88
C GLY B 115 -20.42 -4.72 -3.89
N TYR B 116 -19.31 -5.29 -4.33
CA TYR B 116 -18.57 -6.25 -3.51
C TYR B 116 -17.09 -6.16 -3.88
N VAL B 117 -16.25 -6.00 -2.86
CA VAL B 117 -14.81 -5.98 -3.06
C VAL B 117 -14.23 -6.82 -1.95
N TYR B 118 -13.43 -7.82 -2.31
CA TYR B 118 -12.86 -8.75 -1.34
C TYR B 118 -11.34 -8.76 -1.48
N ASN B 119 -10.64 -8.34 -0.44
CA ASN B 119 -9.19 -8.33 -0.45
C ASN B 119 -8.63 -9.76 -0.43
N LEU B 120 -7.99 -10.16 -1.52
CA LEU B 120 -7.58 -11.55 -1.70
C LEU B 120 -6.39 -11.93 -0.81
N ALA B 121 -5.69 -10.93 -0.28
CA ALA B 121 -4.51 -11.21 0.53
C ALA B 121 -4.88 -11.29 2.02
N THR B 122 -5.83 -10.48 2.45
CA THR B 122 -6.18 -10.40 3.87
C THR B 122 -7.48 -11.12 4.21
N GLY B 123 -8.33 -11.32 3.21
CA GLY B 123 -9.65 -11.85 3.46
C GLY B 123 -10.66 -10.81 3.90
N ASP B 124 -10.29 -9.52 3.89
CA ASP B 124 -11.26 -8.47 4.21
C ASP B 124 -12.38 -8.44 3.19
N GLU B 125 -13.62 -8.44 3.67
CA GLU B 125 -14.78 -8.39 2.79
C GLU B 125 -15.54 -7.09 2.93
N TYR B 126 -15.58 -6.34 1.83
CA TYR B 126 -16.42 -5.15 1.76
C TYR B 126 -17.60 -5.41 0.84
N TYR B 127 -18.79 -4.97 1.24
CA TYR B 127 -19.94 -5.00 0.36
C TYR B 127 -20.99 -3.98 0.76
N ALA B 128 -21.93 -3.73 -0.13
CA ALA B 128 -23.04 -2.83 0.19
C ALA B 128 -24.29 -3.19 -0.59
N ASP B 129 -25.43 -2.97 0.04
CA ASP B 129 -26.72 -3.24 -0.57
C ASP B 129 -27.73 -2.24 0.00
N SER B 130 -29.02 -2.54 -0.07
CA SER B 130 -30.04 -1.59 0.36
C SER B 130 -29.95 -1.25 1.85
N SER B 131 -29.44 -2.19 2.66
CA SER B 131 -29.31 -1.97 4.11
C SER B 131 -28.06 -1.18 4.53
N GLY B 132 -27.21 -0.81 3.57
CA GLY B 132 -25.99 -0.08 3.90
C GLY B 132 -24.70 -0.74 3.43
N ALA B 133 -23.57 -0.28 3.98
CA ALA B 133 -22.25 -0.76 3.57
C ALA B 133 -21.58 -1.52 4.72
N TYR B 134 -20.81 -2.54 4.39
CA TYR B 134 -20.22 -3.41 5.40
C TYR B 134 -18.73 -3.73 5.17
N ARG B 135 -17.99 -3.84 6.28
CA ARG B 135 -16.64 -4.40 6.26
C ARG B 135 -16.63 -5.58 7.21
N ASN B 136 -16.37 -6.77 6.69
CA ASN B 136 -16.42 -8.01 7.48
C ASN B 136 -17.67 -8.15 8.34
N GLY B 137 -18.83 -7.93 7.74
CA GLY B 137 -20.09 -8.08 8.44
C GLY B 137 -20.46 -6.92 9.34
N GLU B 138 -19.65 -5.86 9.36
CA GLU B 138 -19.97 -4.70 10.21
C GLU B 138 -20.20 -3.44 9.41
N ARG B 139 -21.25 -2.70 9.78
CA ARG B 139 -21.63 -1.48 9.09
C ARG B 139 -20.49 -0.47 9.12
N ILE B 140 -20.31 0.25 8.01
CA ILE B 140 -19.27 1.25 7.92
C ILE B 140 -19.84 2.54 7.37
N GLU B 141 -19.10 3.63 7.57
CA GLU B 141 -19.43 4.90 6.94
C GLU B 141 -18.17 5.75 6.75
N VAL B 142 -18.25 6.71 5.83
CA VAL B 142 -17.11 7.55 5.53
C VAL B 142 -16.80 8.45 6.73
N SER B 143 -15.61 9.03 6.76
CA SER B 143 -15.25 9.92 7.85
C SER B 143 -16.00 11.24 7.71
N ASP B 144 -15.95 12.07 8.75
CA ASP B 144 -16.67 13.35 8.68
C ASP B 144 -15.73 14.55 8.57
N ALA B 145 -14.46 14.28 8.23
CA ALA B 145 -13.46 15.34 8.07
C ALA B 145 -13.93 16.42 7.10
N GLU B 146 -13.66 17.68 7.45
CA GLU B 146 -14.17 18.81 6.66
C GLU B 146 -13.04 19.65 6.10
N GLU B 147 -11.82 19.30 6.47
CA GLU B 147 -10.66 20.11 6.09
C GLU B 147 -9.85 19.46 4.99
N LEU B 148 -9.28 20.29 4.13
CA LEU B 148 -8.42 19.79 3.07
C LEU B 148 -7.17 19.12 3.66
N TYR B 149 -6.74 19.59 4.84
CA TYR B 149 -5.65 18.97 5.56
C TYR B 149 -6.14 17.63 6.11
N CYS B 150 -6.18 16.62 5.23
CA CYS B 150 -6.77 15.31 5.58
C CYS B 150 -5.97 14.14 4.98
N ASN B 151 -6.45 12.93 5.22
CA ASN B 151 -5.77 11.72 4.75
C ASN B 151 -6.33 11.29 3.40
N ALA B 152 -5.55 11.45 2.34
CA ALA B 152 -6.07 11.34 0.98
C ALA B 152 -5.42 10.19 0.21
N ILE B 153 -6.24 9.46 -0.53
CA ILE B 153 -5.71 8.60 -1.57
C ILE B 153 -5.88 9.34 -2.90
N ILE B 154 -4.79 9.48 -3.65
CA ILE B 154 -4.85 10.31 -4.85
C ILE B 154 -3.96 9.85 -6.00
N TYR B 155 -4.58 9.68 -7.17
CA TYR B 155 -3.91 9.36 -8.42
C TYR B 155 -4.13 10.55 -9.36
N TYR B 156 -3.11 11.35 -9.65
CA TYR B 156 -1.80 11.36 -9.02
C TYR B 156 -1.58 12.80 -8.58
N PRO B 157 -0.84 13.00 -7.47
CA PRO B 157 -0.51 14.40 -7.13
C PRO B 157 0.57 14.95 -8.09
N ASP B 158 0.28 16.08 -8.71
CA ASP B 158 1.16 16.66 -9.70
C ASP B 158 1.49 18.11 -9.36
N ARG B 159 1.20 18.47 -8.13
CA ARG B 159 1.45 19.82 -7.63
C ARG B 159 1.45 19.80 -6.10
N LYS B 160 1.81 20.93 -5.49
CA LYS B 160 1.80 21.03 -4.04
C LYS B 160 0.36 21.00 -3.56
N PHE B 161 0.10 20.19 -2.54
CA PHE B 161 -1.25 19.94 -2.05
C PHE B 161 -1.29 20.14 -0.54
N PRO B 162 -2.47 20.41 0.01
CA PRO B 162 -2.56 20.69 1.45
C PRO B 162 -2.80 19.46 2.33
N PHE B 163 -2.74 18.26 1.77
CA PHE B 163 -3.11 17.05 2.52
C PHE B 163 -2.21 16.72 3.72
N LYS B 164 -2.79 16.08 4.75
CA LYS B 164 -2.02 15.59 5.88
C LYS B 164 -1.21 14.36 5.44
N ARG B 165 -1.86 13.45 4.72
CA ARG B 165 -1.16 12.31 4.11
C ARG B 165 -1.66 12.07 2.71
N MET B 166 -0.75 11.66 1.82
CA MET B 166 -1.15 11.16 0.50
C MET B 166 -0.67 9.73 0.37
N ARG B 167 -1.55 8.86 -0.10
CA ARG B 167 -1.19 7.45 -0.31
C ARG B 167 -1.68 6.99 -1.66
N ILE B 168 -0.97 6.00 -2.22
CA ILE B 168 -1.34 5.39 -3.49
C ILE B 168 -1.00 3.90 -3.37
N PHE B 169 -2.02 3.07 -3.22
CA PHE B 169 -1.77 1.66 -2.88
C PHE B 169 -1.73 0.70 -4.06
N GLY B 170 -2.26 1.11 -5.21
CA GLY B 170 -2.22 0.26 -6.40
C GLY B 170 -3.42 -0.68 -6.54
N SER B 171 -4.55 -0.33 -5.96
CA SER B 171 -5.77 -1.14 -6.10
C SER B 171 -7.01 -0.29 -5.91
N ALA B 172 -7.46 0.36 -6.98
CA ALA B 172 -8.54 1.35 -6.89
C ALA B 172 -9.81 0.83 -6.19
N ALA B 173 -10.22 -0.39 -6.51
CA ALA B 173 -11.41 -0.96 -5.88
C ALA B 173 -11.24 -1.03 -4.35
N THR B 174 -10.07 -1.48 -3.91
CA THR B 174 -9.81 -1.62 -2.49
C THR B 174 -9.66 -0.26 -1.85
N GLU B 175 -9.04 0.67 -2.58
CA GLU B 175 -8.80 1.99 -2.04
C GLU B 175 -10.11 2.76 -1.88
N LEU B 176 -11.04 2.54 -2.81
CA LEU B 176 -12.36 3.13 -2.66
C LEU B 176 -13.04 2.59 -1.40
N CYS B 177 -12.70 1.38 -1.02
CA CYS B 177 -13.23 0.82 0.23
C CYS B 177 -12.51 1.36 1.46
N PHE B 178 -11.21 1.68 1.35
CA PHE B 178 -10.52 2.38 2.43
C PHE B 178 -11.20 3.72 2.68
N PHE B 179 -11.64 4.39 1.62
CA PHE B 179 -12.38 5.62 1.79
C PHE B 179 -13.78 5.36 2.40
N ALA B 180 -14.45 4.31 1.92
CA ALA B 180 -15.80 3.99 2.39
C ALA B 180 -15.86 3.71 3.87
N ASP B 181 -14.81 3.10 4.43
CA ASP B 181 -14.89 2.73 5.84
C ASP B 181 -14.32 3.80 6.74
N GLY B 182 -13.85 4.89 6.13
CA GLY B 182 -13.36 6.03 6.88
C GLY B 182 -11.88 5.93 7.22
N SER B 183 -11.21 4.90 6.73
CA SER B 183 -9.76 4.79 6.93
C SER B 183 -9.08 6.01 6.32
N PHE B 184 -9.54 6.41 5.14
CA PHE B 184 -9.07 7.64 4.50
C PHE B 184 -10.24 8.60 4.30
N ASP B 185 -9.96 9.90 4.20
CA ASP B 185 -11.00 10.93 4.18
C ASP B 185 -11.50 11.22 2.78
N CYS B 186 -10.68 10.87 1.79
CA CYS B 186 -11.09 11.04 0.40
C CYS B 186 -10.30 10.16 -0.57
N PHE B 187 -10.88 9.95 -1.74
CA PHE B 187 -10.23 9.22 -2.81
C PHE B 187 -10.33 10.08 -4.07
N LEU B 188 -9.21 10.27 -4.76
CA LEU B 188 -9.22 11.05 -6.00
C LEU B 188 -8.50 10.32 -7.11
N ASP B 189 -9.15 10.23 -8.28
CA ASP B 189 -8.41 9.86 -9.48
C ASP B 189 -8.61 10.96 -10.52
N ILE B 190 -7.59 11.79 -10.66
CA ILE B 190 -7.69 12.99 -11.48
C ILE B 190 -6.73 12.93 -12.65
N ARG B 191 -6.26 11.73 -12.98
CA ARG B 191 -5.36 11.56 -14.11
C ARG B 191 -6.07 12.04 -15.39
N PRO B 192 -5.45 13.00 -16.09
CA PRO B 192 -6.02 13.58 -17.32
C PRO B 192 -6.33 12.53 -18.39
N GLY B 193 -5.54 11.47 -18.45
CA GLY B 193 -5.80 10.39 -19.39
C GLY B 193 -7.13 9.69 -19.15
N LYS B 194 -7.69 9.86 -17.95
CA LYS B 194 -8.93 9.17 -17.53
C LYS B 194 -8.75 7.64 -17.67
N MET B 195 -8.00 7.05 -16.75
CA MET B 195 -7.56 5.64 -16.85
C MET B 195 -8.50 4.59 -16.24
N LEU B 196 -9.20 4.94 -15.17
CA LEU B 196 -10.08 3.97 -14.50
C LEU B 196 -11.14 3.43 -15.46
N ARG B 197 -11.33 2.11 -15.45
CA ARG B 197 -12.40 1.47 -16.23
C ARG B 197 -13.59 1.21 -15.32
N ILE B 198 -14.71 0.76 -15.90
CA ILE B 198 -15.92 0.58 -15.12
C ILE B 198 -15.77 -0.52 -14.06
N TYR B 199 -15.05 -1.58 -14.40
CA TYR B 199 -14.88 -2.71 -13.48
C TYR B 199 -13.89 -2.42 -12.32
N ASP B 200 -12.99 -1.46 -12.52
CA ASP B 200 -12.10 -1.00 -11.43
C ASP B 200 -12.87 -0.23 -10.36
N ALA B 201 -13.84 0.56 -10.81
CA ALA B 201 -14.39 1.60 -9.97
C ALA B 201 -15.80 1.30 -9.46
N ALA B 202 -16.60 0.60 -10.26
CA ALA B 202 -18.03 0.51 -10.02
C ALA B 202 -18.42 -0.01 -8.63
N ALA B 203 -17.82 -1.11 -8.21
CA ALA B 203 -18.16 -1.66 -6.89
C ALA B 203 -17.72 -0.72 -5.77
N GLY B 204 -16.49 -0.22 -5.87
CA GLY B 204 -15.98 0.70 -4.88
C GLY B 204 -16.84 1.97 -4.76
N VAL B 205 -17.25 2.52 -5.90
CA VAL B 205 -18.13 3.67 -5.93
C VAL B 205 -19.46 3.37 -5.22
N PHE B 206 -20.07 2.24 -5.56
CA PHE B 206 -21.35 1.88 -4.98
C PHE B 206 -21.22 1.72 -3.47
N ILE B 207 -20.13 1.09 -3.02
CA ILE B 207 -19.94 0.85 -1.59
C ILE B 207 -19.71 2.18 -0.88
N ALA B 208 -18.88 3.03 -1.48
CA ALA B 208 -18.57 4.32 -0.87
C ALA B 208 -19.84 5.18 -0.71
N GLU B 209 -20.70 5.18 -1.74
CA GLU B 209 -21.94 5.97 -1.65
C GLU B 209 -22.88 5.42 -0.58
N LYS B 210 -22.99 4.10 -0.49
CA LYS B 210 -23.86 3.52 0.54
C LYS B 210 -23.36 3.87 1.93
N ALA B 211 -22.04 4.09 2.02
CA ALA B 211 -21.39 4.42 3.28
C ALA B 211 -21.50 5.91 3.58
N GLY B 212 -22.19 6.65 2.72
CA GLY B 212 -22.44 8.06 2.97
C GLY B 212 -21.58 8.99 2.13
N GLY B 213 -20.70 8.43 1.31
CA GLY B 213 -19.77 9.25 0.55
C GLY B 213 -20.44 9.91 -0.64
N LYS B 214 -20.02 11.12 -0.95
CA LYS B 214 -20.43 11.74 -2.19
C LYS B 214 -19.33 11.44 -3.21
N VAL B 215 -19.72 10.88 -4.35
CA VAL B 215 -18.76 10.40 -5.33
C VAL B 215 -19.17 10.85 -6.74
N THR B 216 -18.30 11.59 -7.41
CA THR B 216 -18.63 12.19 -8.70
C THR B 216 -17.44 12.14 -9.65
N GLU B 217 -17.68 12.60 -10.88
CA GLU B 217 -16.61 12.83 -11.85
C GLU B 217 -15.87 14.11 -11.49
N LEU B 218 -14.89 14.47 -12.31
CA LEU B 218 -13.96 15.57 -12.06
C LEU B 218 -14.64 16.91 -11.79
N ASP B 219 -15.73 17.17 -12.49
CA ASP B 219 -16.39 18.46 -12.45
C ASP B 219 -17.62 18.44 -11.56
N GLY B 220 -17.77 17.39 -10.76
CA GLY B 220 -18.90 17.28 -9.86
C GLY B 220 -20.10 16.54 -10.45
N GLU B 221 -20.03 16.22 -11.74
CA GLU B 221 -21.11 15.50 -12.42
C GLU B 221 -21.36 14.11 -11.85
N SER B 222 -22.63 13.71 -11.83
CA SER B 222 -23.05 12.38 -11.41
C SER B 222 -22.38 11.28 -12.23
N LEU B 223 -22.17 10.12 -11.61
CA LEU B 223 -21.57 8.98 -12.31
C LEU B 223 -22.66 8.02 -12.78
N GLY B 224 -23.92 8.44 -12.64
CA GLY B 224 -25.06 7.59 -12.93
C GLY B 224 -25.12 7.06 -14.35
N ASN B 225 -24.68 7.86 -15.30
CA ASN B 225 -24.71 7.43 -16.70
C ASN B 225 -23.44 6.74 -17.18
N LYS B 226 -22.50 6.46 -16.27
CA LYS B 226 -21.33 5.67 -16.66
C LYS B 226 -21.77 4.28 -17.12
N LYS B 227 -21.20 3.81 -18.23
CA LYS B 227 -21.72 2.62 -18.88
C LYS B 227 -20.96 1.34 -18.54
N PHE B 228 -21.67 0.23 -18.44
CA PHE B 228 -21.02 -1.06 -18.21
C PHE B 228 -20.49 -1.60 -19.55
N ASP B 229 -19.44 -0.97 -20.07
CA ASP B 229 -18.77 -1.50 -21.26
C ASP B 229 -17.27 -1.28 -21.18
N MET B 230 -16.54 -1.80 -22.17
CA MET B 230 -15.09 -1.74 -22.15
C MET B 230 -14.57 -0.35 -22.49
N GLN B 231 -15.42 0.47 -23.10
CA GLN B 231 -14.96 1.77 -23.57
C GLN B 231 -15.03 2.85 -22.50
N GLU B 232 -15.85 2.62 -21.47
CA GLU B 232 -16.07 3.64 -20.44
C GLU B 232 -14.78 3.99 -19.66
N ARG B 233 -14.68 5.25 -19.23
CA ARG B 233 -13.51 5.70 -18.46
C ARG B 233 -14.00 6.63 -17.36
N LEU B 234 -13.27 6.70 -16.26
CA LEU B 234 -13.70 7.53 -15.13
C LEU B 234 -12.56 8.30 -14.49
N ASN B 235 -12.84 9.55 -14.14
CA ASN B 235 -12.12 10.23 -13.07
C ASN B 235 -13.08 10.22 -11.89
N ILE B 236 -12.53 10.24 -10.68
CA ILE B 236 -13.34 10.17 -9.46
C ILE B 236 -12.93 11.24 -8.45
N VAL B 237 -13.91 11.92 -7.88
CA VAL B 237 -13.70 12.72 -6.68
C VAL B 237 -14.69 12.21 -5.63
N ALA B 238 -14.16 11.71 -4.52
CA ALA B 238 -15.01 11.05 -3.52
C ALA B 238 -14.66 11.53 -2.11
N ALA B 239 -15.66 12.02 -1.39
CA ALA B 239 -15.49 12.49 -0.01
C ALA B 239 -16.86 12.67 0.60
N ASN B 240 -16.93 12.80 1.92
CA ASN B 240 -18.19 13.26 2.53
C ASN B 240 -18.62 14.59 1.88
N GLU B 241 -19.88 14.95 2.06
CA GLU B 241 -20.42 16.06 1.29
C GLU B 241 -19.94 17.45 1.73
N LYS B 242 -19.31 17.55 2.89
CA LYS B 242 -18.72 18.83 3.30
C LYS B 242 -17.33 19.02 2.70
N LEU B 243 -16.52 17.97 2.74
CA LEU B 243 -15.19 18.03 2.16
C LEU B 243 -15.25 18.09 0.63
N HIS B 244 -16.21 17.35 0.07
CA HIS B 244 -16.27 17.15 -1.39
C HIS B 244 -16.19 18.44 -2.24
N PRO B 245 -17.03 19.45 -1.94
CA PRO B 245 -16.93 20.67 -2.77
C PRO B 245 -15.59 21.39 -2.61
N LYS B 246 -14.97 21.31 -1.43
CA LYS B 246 -13.64 21.89 -1.29
C LYS B 246 -12.65 21.18 -2.22
N LEU B 247 -12.76 19.85 -2.32
CA LEU B 247 -11.90 19.09 -3.23
C LEU B 247 -12.09 19.53 -4.68
N LEU B 248 -13.35 19.74 -5.07
CA LEU B 248 -13.65 20.22 -6.42
C LEU B 248 -12.95 21.56 -6.70
N GLU B 249 -13.05 22.51 -5.78
CA GLU B 249 -12.36 23.79 -5.92
C GLU B 249 -10.85 23.61 -5.99
N LEU B 250 -10.31 22.80 -5.08
CA LEU B 250 -8.87 22.56 -5.03
C LEU B 250 -8.28 22.17 -6.39
N ILE B 251 -9.01 21.38 -7.18
CA ILE B 251 -8.44 20.83 -8.40
C ILE B 251 -8.79 21.55 -9.70
N LYS B 252 -9.56 22.64 -9.62
CA LYS B 252 -9.85 23.45 -10.79
C LYS B 252 -8.57 23.85 -11.51
#